data_5C9H
#
_entry.id   5C9H
#
_cell.length_a   58.530
_cell.length_b   117.770
_cell.length_c   131.180
_cell.angle_alpha   90.00
_cell.angle_beta   90.00
_cell.angle_gamma   90.00
#
_symmetry.space_group_name_H-M   'P 21 21 21'
#
loop_
_entity.id
_entity.type
_entity.pdbx_description
1 polymer 'Telomerase reverse transcriptase'
2 polymer "RNA (5'-R(P*AP*GP*AP*AP*CP*UP*GP*UP*CP*A)-3')"
3 polymer "RNA (5'-R(P*UP*CP*AP*UP*UP*CP*AP*GP*UP*UP*CP*U)-3')"
4 non-polymer 'MAGNESIUM ION'
5 water water
#
loop_
_entity_poly.entity_id
_entity_poly.type
_entity_poly.pdbx_seq_one_letter_code
_entity_poly.pdbx_strand_id
1 'polypeptide(L)'
;GHMNQYIYPEIQRSQIFYCNHMGREPGVFKSSFFNYSEIKKGFQFKVIQEKLQGRQFINSDKIKPDHPQTIIKKTLLKEY
QSKNFSCQEERDLFLEFTEKIVQNFHNINFNYLLKKFCKLPENYQSLKSQVKQIVQSENKANQQSCENLFNSLYDTEISY
KQITNFLRQIIQNCVPNQLLGKKNFKVFLEKLYEFVQMKRFENQKVLDYICFMDVFDVEWFVDLKNQKFTQKRKYISDKR
KILGDLIVFIINKIVIPVLRYNFYITEKHKEGSQIFYYRKPIWKLVSKLTIVKLEEENLEKVE
;
A,B
2 'polyribonucleotide' UAGAACUGUCAUU D,E
3 'polyribonucleotide' UUCAUUCAGUUCU C,G
#
loop_
_chem_comp.id
_chem_comp.type
_chem_comp.name
_chem_comp.formula
A RNA linking ADENOSINE-5'-MONOPHOSPHATE 'C10 H14 N5 O7 P'
C RNA linking CYTIDINE-5'-MONOPHOSPHATE 'C9 H14 N3 O8 P'
G RNA linking GUANOSINE-5'-MONOPHOSPHATE 'C10 H14 N5 O8 P'
MG non-polymer 'MAGNESIUM ION' 'Mg 2'
U RNA linking URIDINE-5'-MONOPHOSPHATE 'C9 H13 N2 O9 P'
#
# COMPACT_ATOMS: atom_id res chain seq x y z
N GLN A 5 -15.89 -16.87 9.48
CA GLN A 5 -14.66 -16.20 9.08
C GLN A 5 -13.44 -17.10 9.26
N TYR A 6 -12.45 -16.92 8.38
CA TYR A 6 -11.16 -17.59 8.56
C TYR A 6 -10.05 -16.56 8.42
N ILE A 7 -9.18 -16.49 9.42
CA ILE A 7 -8.10 -15.51 9.35
C ILE A 7 -6.85 -16.17 8.77
N TYR A 8 -6.54 -15.80 7.52
CA TYR A 8 -5.38 -16.35 6.83
C TYR A 8 -4.08 -15.95 7.50
N PRO A 9 -3.05 -16.80 7.39
CA PRO A 9 -1.71 -16.50 7.91
C PRO A 9 -1.19 -15.19 7.31
N GLU A 10 -0.40 -14.45 8.07
CA GLU A 10 0.06 -13.14 7.64
C GLU A 10 1.23 -13.25 6.68
N ILE A 11 1.20 -12.42 5.65
CA ILE A 11 2.37 -12.29 4.79
C ILE A 11 3.32 -11.35 5.50
N GLN A 12 4.53 -11.81 5.79
CA GLN A 12 5.46 -10.93 6.48
C GLN A 12 6.33 -10.21 5.46
N ARG A 13 6.03 -8.94 5.24
CA ARG A 13 6.74 -8.18 4.22
C ARG A 13 7.81 -7.31 4.86
N SER A 14 7.84 -7.32 6.20
CA SER A 14 8.81 -6.50 6.93
C SER A 14 10.16 -7.20 6.96
N GLN A 15 10.18 -8.45 6.52
CA GLN A 15 11.39 -9.26 6.53
C GLN A 15 12.32 -8.86 5.39
N ILE A 16 11.75 -8.40 4.28
CA ILE A 16 12.55 -8.07 3.11
C ILE A 16 13.46 -6.86 3.34
N PHE A 17 13.16 -6.07 4.36
CA PHE A 17 13.88 -4.83 4.60
C PHE A 17 15.12 -4.96 5.48
N TYR A 18 16.15 -4.20 5.14
CA TYR A 18 17.30 -3.95 6.01
C TYR A 18 18.11 -5.21 6.33
N CYS A 19 18.33 -6.06 5.34
CA CYS A 19 19.17 -7.24 5.51
C CYS A 19 20.58 -6.98 4.99
N ASN A 20 21.56 -7.01 5.88
CA ASN A 20 22.94 -6.68 5.51
C ASN A 20 23.80 -7.89 5.10
N HIS A 21 23.31 -9.10 5.32
CA HIS A 21 24.13 -10.30 5.17
C HIS A 21 24.41 -10.73 3.73
N MET A 22 25.69 -10.83 3.37
CA MET A 22 26.07 -11.42 2.09
C MET A 22 26.56 -12.85 2.28
N GLY A 23 26.00 -13.75 1.51
CA GLY A 23 26.23 -15.19 1.65
C GLY A 23 27.11 -15.85 0.61
N ARG A 24 28.01 -15.09 -0.01
CA ARG A 24 28.75 -15.54 -1.19
C ARG A 24 27.78 -15.88 -2.31
N GLU A 25 27.73 -17.14 -2.73
CA GLU A 25 26.79 -17.56 -3.75
C GLU A 25 25.33 -17.38 -3.34
N PRO A 26 24.52 -16.81 -4.26
CA PRO A 26 23.09 -16.51 -4.17
C PRO A 26 22.22 -17.77 -4.03
N GLY A 27 20.90 -17.62 -4.02
CA GLY A 27 20.00 -18.72 -3.70
C GLY A 27 19.70 -18.91 -2.22
N VAL A 28 19.29 -17.81 -1.61
CA VAL A 28 18.78 -17.70 -0.24
C VAL A 28 19.74 -18.24 0.84
N PHE A 29 19.19 -18.71 1.96
CA PHE A 29 19.99 -19.02 3.13
C PHE A 29 20.39 -20.49 3.26
N LYS A 30 21.26 -20.75 4.22
CA LYS A 30 21.60 -22.10 4.62
C LYS A 30 20.55 -22.61 5.61
N SER A 31 19.85 -21.65 6.23
CA SER A 31 18.81 -21.96 7.22
C SER A 31 17.53 -22.41 6.53
N SER A 32 17.36 -22.01 5.28
CA SER A 32 16.16 -22.32 4.53
C SER A 32 16.05 -23.83 4.28
N PHE A 33 14.83 -24.30 4.07
CA PHE A 33 14.56 -25.71 3.82
C PHE A 33 15.16 -26.17 2.49
N PHE A 34 15.60 -25.22 1.67
CA PHE A 34 16.22 -25.52 0.40
C PHE A 34 17.55 -26.25 0.57
N ASN A 35 18.25 -25.94 1.67
CA ASN A 35 19.52 -26.59 1.95
C ASN A 35 19.44 -27.46 3.21
N TYR A 36 19.51 -28.78 3.01
CA TYR A 36 19.45 -29.75 4.09
C TYR A 36 18.17 -29.60 4.92
N TYR A 80 6.81 -28.80 6.97
CA TYR A 80 7.10 -28.31 8.31
C TYR A 80 5.84 -28.18 9.16
N GLN A 81 4.95 -27.28 8.75
CA GLN A 81 3.66 -27.06 9.40
C GLN A 81 2.47 -27.60 8.59
N SER A 82 1.75 -28.56 9.15
CA SER A 82 0.51 -29.05 8.55
C SER A 82 -0.70 -28.91 9.43
N LYS A 83 -1.66 -28.15 8.93
CA LYS A 83 -2.84 -27.88 9.73
C LYS A 83 -4.20 -28.14 9.03
N ASN A 84 -4.62 -27.20 8.18
CA ASN A 84 -5.96 -27.22 7.59
C ASN A 84 -6.21 -28.42 6.66
N PHE A 85 -5.19 -29.23 6.43
CA PHE A 85 -5.29 -30.42 5.59
C PHE A 85 -6.36 -31.41 6.04
N SER A 86 -7.08 -31.96 5.07
CA SER A 86 -7.96 -33.09 5.33
C SER A 86 -7.13 -34.37 5.41
N CYS A 87 -7.58 -35.29 6.25
CA CYS A 87 -6.99 -36.62 6.46
C CYS A 87 -5.48 -36.59 6.66
N GLN A 88 -4.80 -37.64 6.20
CA GLN A 88 -3.34 -37.67 6.16
C GLN A 88 -2.76 -37.64 4.73
N GLU A 89 -3.63 -37.79 3.73
CA GLU A 89 -3.18 -37.95 2.35
C GLU A 89 -2.72 -36.65 1.71
N GLU A 90 -3.44 -35.57 2.00
CA GLU A 90 -3.10 -34.24 1.50
C GLU A 90 -1.73 -33.78 1.99
N ARG A 91 -1.41 -34.13 3.23
CA ARG A 91 -0.14 -33.75 3.84
C ARG A 91 1.04 -34.39 3.11
N ASP A 92 0.83 -35.59 2.59
CA ASP A 92 1.86 -36.27 1.83
C ASP A 92 1.96 -35.69 0.42
N LEU A 93 0.83 -35.30 -0.14
CA LEU A 93 0.80 -34.66 -1.45
C LEU A 93 1.49 -33.30 -1.42
N PHE A 94 1.35 -32.60 -0.30
CA PHE A 94 2.02 -31.31 -0.13
C PHE A 94 3.52 -31.52 0.05
N LEU A 95 3.87 -32.55 0.82
CA LEU A 95 5.26 -32.88 1.08
C LEU A 95 5.96 -33.33 -0.20
N GLU A 96 5.21 -33.94 -1.11
CA GLU A 96 5.75 -34.34 -2.40
C GLU A 96 6.08 -33.14 -3.29
N PHE A 97 5.26 -32.10 -3.21
CA PHE A 97 5.56 -30.86 -3.95
C PHE A 97 6.79 -30.14 -3.39
N THR A 98 6.93 -30.15 -2.07
CA THR A 98 8.02 -29.45 -1.40
C THR A 98 9.39 -30.02 -1.78
N GLU A 99 9.49 -31.35 -1.83
CA GLU A 99 10.74 -31.99 -2.20
C GLU A 99 10.96 -31.87 -3.71
N LYS A 100 9.85 -31.77 -4.43
CA LYS A 100 9.87 -31.45 -5.86
C LYS A 100 10.35 -30.02 -6.05
N ILE A 101 9.99 -29.15 -5.11
CA ILE A 101 10.33 -27.74 -5.17
C ILE A 101 11.81 -27.47 -4.88
N VAL A 102 12.33 -28.10 -3.82
CA VAL A 102 13.72 -27.88 -3.43
C VAL A 102 14.72 -28.42 -4.44
N GLN A 103 14.33 -29.46 -5.17
CA GLN A 103 15.21 -30.06 -6.16
C GLN A 103 15.40 -29.13 -7.36
N ASN A 104 14.29 -28.58 -7.87
CA ASN A 104 14.35 -27.65 -9.00
C ASN A 104 15.05 -26.35 -8.60
N PHE A 105 15.08 -26.08 -7.31
CA PHE A 105 15.70 -24.87 -6.78
C PHE A 105 17.21 -24.89 -6.99
N HIS A 106 17.81 -26.07 -6.82
CA HIS A 106 19.24 -26.24 -6.99
C HIS A 106 19.62 -26.20 -8.46
N ASN A 107 18.64 -26.41 -9.33
CA ASN A 107 18.85 -26.33 -10.78
C ASN A 107 18.73 -24.90 -11.28
N ILE A 108 18.24 -24.02 -10.41
CA ILE A 108 18.13 -22.61 -10.73
C ILE A 108 19.52 -21.97 -10.65
N ASN A 109 19.89 -21.22 -11.68
CA ASN A 109 21.15 -20.49 -11.64
C ASN A 109 20.88 -19.03 -11.29
N PHE A 110 21.24 -18.66 -10.06
CA PHE A 110 20.96 -17.33 -9.56
C PHE A 110 21.96 -16.30 -10.11
N ASN A 111 23.15 -16.77 -10.46
CA ASN A 111 24.15 -15.90 -11.06
C ASN A 111 23.69 -15.36 -12.40
N TYR A 112 23.10 -16.24 -13.21
CA TYR A 112 22.62 -15.84 -14.53
C TYR A 112 21.33 -15.04 -14.44
N LEU A 113 20.39 -15.52 -13.63
CA LEU A 113 19.09 -14.87 -13.51
C LEU A 113 19.23 -13.46 -12.96
N LEU A 114 20.16 -13.28 -12.02
CA LEU A 114 20.48 -11.94 -11.54
C LEU A 114 21.01 -11.14 -12.72
N LYS A 115 22.09 -11.62 -13.33
CA LYS A 115 22.71 -10.95 -14.47
C LYS A 115 21.71 -10.51 -15.52
N LYS A 116 20.81 -11.43 -15.88
CA LYS A 116 19.78 -11.16 -16.87
C LYS A 116 18.80 -10.07 -16.45
N PHE A 117 18.35 -10.15 -15.20
CA PHE A 117 17.33 -9.23 -14.71
C PHE A 117 17.90 -8.14 -13.80
N CYS A 118 18.27 -8.50 -12.58
CA CYS A 118 18.80 -7.50 -11.66
C CYS A 118 20.31 -7.48 -11.78
N LYS A 119 20.83 -6.43 -12.41
CA LYS A 119 22.20 -6.42 -12.87
C LYS A 119 23.03 -5.37 -12.15
N LEU A 120 24.24 -5.76 -11.76
CA LEU A 120 25.19 -4.81 -11.21
C LEU A 120 25.58 -3.83 -12.31
N PRO A 121 25.87 -2.58 -11.93
CA PRO A 121 26.25 -1.58 -12.94
C PRO A 121 27.51 -1.98 -13.69
N GLU A 122 27.69 -1.45 -14.90
CA GLU A 122 28.87 -1.76 -15.69
C GLU A 122 30.14 -1.20 -15.05
N ASN A 123 29.98 -0.18 -14.21
CA ASN A 123 31.10 0.46 -13.55
C ASN A 123 31.39 -0.14 -12.18
N TYR A 124 30.67 -1.22 -11.84
CA TYR A 124 30.79 -1.86 -10.52
C TYR A 124 32.24 -2.16 -10.15
N GLN A 125 33.00 -2.66 -11.11
CA GLN A 125 34.41 -2.95 -10.90
C GLN A 125 35.15 -1.67 -10.53
N SER A 126 34.80 -0.58 -11.21
CA SER A 126 35.36 0.73 -10.90
C SER A 126 34.86 1.21 -9.54
N LEU A 127 33.59 0.92 -9.25
CA LEU A 127 33.00 1.28 -7.96
C LEU A 127 33.66 0.48 -6.84
N LYS A 128 33.93 -0.79 -7.13
CA LYS A 128 34.58 -1.67 -6.16
C LYS A 128 36.04 -1.25 -5.97
N SER A 129 36.65 -0.76 -7.04
CA SER A 129 38.03 -0.29 -6.98
C SER A 129 38.13 0.98 -6.15
N GLN A 130 37.19 1.89 -6.35
CA GLN A 130 37.24 3.21 -5.72
C GLN A 130 37.01 3.11 -4.21
N VAL A 131 36.26 2.09 -3.79
CA VAL A 131 36.06 1.85 -2.36
C VAL A 131 37.22 1.03 -1.79
N LYS A 132 38.00 0.43 -2.68
CA LYS A 132 39.18 -0.32 -2.26
C LYS A 132 40.29 0.68 -1.99
N GLN A 133 40.17 1.86 -2.59
CA GLN A 133 40.93 3.02 -2.16
C GLN A 133 40.22 3.59 -0.94
N ILE A 134 40.69 4.74 -0.44
CA ILE A 134 40.13 5.37 0.76
C ILE A 134 40.37 4.52 2.01
N VAL A 135 40.84 3.29 1.81
CA VAL A 135 41.17 2.39 2.91
C VAL A 135 42.59 1.84 2.75
N LYS A 140 42.73 9.61 5.24
CA LYS A 140 42.75 10.76 6.12
C LYS A 140 42.45 11.98 5.25
N ALA A 141 41.58 11.73 4.26
CA ALA A 141 41.30 12.61 3.10
C ALA A 141 39.85 12.28 2.76
N ASN A 142 39.46 12.47 1.49
CA ASN A 142 38.36 11.68 0.92
C ASN A 142 36.98 12.32 1.05
N GLN A 143 36.92 13.45 1.78
CA GLN A 143 35.65 14.11 2.10
C GLN A 143 34.65 14.24 0.93
N GLN A 144 34.88 15.07 -0.09
CA GLN A 144 33.85 15.17 -1.13
C GLN A 144 33.80 13.86 -1.90
N SER A 145 34.95 13.42 -2.41
CA SER A 145 35.00 12.35 -3.40
C SER A 145 34.15 11.16 -2.97
N CYS A 146 34.02 10.97 -1.66
CA CYS A 146 33.13 9.95 -1.12
C CYS A 146 31.66 10.29 -1.35
N GLU A 147 31.33 11.58 -1.29
CA GLU A 147 29.95 12.02 -1.52
C GLU A 147 29.53 11.70 -2.95
N ASN A 148 30.46 11.81 -3.89
CA ASN A 148 30.18 11.43 -5.27
C ASN A 148 30.21 9.92 -5.42
N LEU A 149 30.96 9.26 -4.55
CA LEU A 149 31.04 7.81 -4.56
C LEU A 149 29.79 7.18 -3.96
N PHE A 150 29.16 7.88 -3.00
CA PHE A 150 27.92 7.39 -2.44
C PHE A 150 26.78 7.62 -3.41
N ASN A 151 26.87 8.70 -4.19
CA ASN A 151 25.82 9.02 -5.14
C ASN A 151 25.79 8.05 -6.32
N SER A 152 26.93 7.42 -6.58
CA SER A 152 27.02 6.46 -7.67
C SER A 152 26.50 5.10 -7.22
N LEU A 153 26.83 4.73 -5.99
CA LEU A 153 26.36 3.48 -5.41
C LEU A 153 24.85 3.42 -5.23
N TYR A 154 24.28 4.45 -4.61
CA TYR A 154 22.82 4.58 -4.50
C TYR A 154 22.07 4.78 -5.81
N ASP A 155 22.77 5.27 -6.83
CA ASP A 155 22.25 5.37 -8.19
C ASP A 155 21.90 4.01 -8.80
N THR A 156 22.46 2.94 -8.23
CA THR A 156 22.41 1.61 -8.83
C THR A 156 21.18 0.79 -8.49
N GLU A 157 20.18 1.44 -7.88
CA GLU A 157 18.96 0.77 -7.45
C GLU A 157 18.31 -0.02 -8.59
N ILE A 158 17.65 -1.11 -8.22
CA ILE A 158 17.00 -2.01 -9.17
C ILE A 158 15.49 -1.76 -9.24
N SER A 159 14.98 -1.56 -10.45
CA SER A 159 13.58 -1.18 -10.65
C SER A 159 12.61 -2.29 -10.23
N TYR A 160 11.39 -1.89 -9.91
CA TYR A 160 10.35 -2.82 -9.46
C TYR A 160 10.03 -3.87 -10.50
N LYS A 161 10.05 -3.48 -11.78
CA LYS A 161 9.81 -4.40 -12.88
C LYS A 161 10.92 -5.44 -12.96
N GLN A 162 12.15 -4.99 -12.77
CA GLN A 162 13.31 -5.89 -12.75
C GLN A 162 13.14 -6.95 -11.69
N ILE A 163 12.88 -6.50 -10.46
CA ILE A 163 12.71 -7.39 -9.33
C ILE A 163 11.57 -8.39 -9.53
N THR A 164 10.46 -7.90 -10.05
CA THR A 164 9.28 -8.73 -10.29
C THR A 164 9.55 -9.79 -11.36
N ASN A 165 10.20 -9.38 -12.45
CA ASN A 165 10.58 -10.32 -13.50
C ASN A 165 11.53 -11.39 -12.98
N PHE A 166 12.40 -10.99 -12.06
CA PHE A 166 13.31 -11.92 -11.41
C PHE A 166 12.57 -12.91 -10.53
N LEU A 167 11.67 -12.40 -9.69
CA LEU A 167 10.88 -13.22 -8.79
C LEU A 167 9.99 -14.20 -9.55
N ARG A 168 9.32 -13.70 -10.57
CA ARG A 168 8.45 -14.54 -11.41
C ARG A 168 9.26 -15.66 -12.04
N GLN A 169 10.48 -15.33 -12.48
CA GLN A 169 11.35 -16.30 -13.11
C GLN A 169 11.80 -17.37 -12.13
N ILE A 170 12.02 -16.97 -10.88
CA ILE A 170 12.42 -17.90 -9.84
C ILE A 170 11.27 -18.87 -9.54
N ILE A 171 10.10 -18.31 -9.26
CA ILE A 171 8.92 -19.09 -8.91
C ILE A 171 8.50 -20.06 -10.00
N GLN A 172 8.49 -19.60 -11.24
CA GLN A 172 8.09 -20.44 -12.37
C GLN A 172 9.04 -21.63 -12.56
N ASN A 173 10.32 -21.42 -12.28
CA ASN A 173 11.30 -22.50 -12.34
C ASN A 173 11.25 -23.38 -11.09
N CYS A 174 11.08 -22.73 -9.94
CA CYS A 174 11.08 -23.41 -8.66
C CYS A 174 9.77 -24.13 -8.33
N VAL A 175 8.65 -23.45 -8.54
CA VAL A 175 7.35 -23.95 -8.12
C VAL A 175 6.54 -24.57 -9.26
N PRO A 176 6.10 -25.82 -9.07
CA PRO A 176 5.27 -26.53 -10.06
C PRO A 176 3.94 -25.83 -10.29
N ASN A 177 3.44 -25.91 -11.52
CA ASN A 177 2.18 -25.25 -11.88
C ASN A 177 0.97 -25.98 -11.29
N GLN A 178 1.17 -27.23 -10.90
CA GLN A 178 0.10 -28.05 -10.37
C GLN A 178 -0.19 -27.76 -8.89
N LEU A 179 0.73 -27.05 -8.24
CA LEU A 179 0.59 -26.75 -6.82
C LEU A 179 -0.63 -25.89 -6.52
N LEU A 180 -0.70 -24.73 -7.16
CA LEU A 180 -1.84 -23.84 -6.98
C LEU A 180 -2.91 -24.08 -8.03
N GLY A 181 -2.59 -24.89 -9.04
CA GLY A 181 -3.43 -25.02 -10.20
C GLY A 181 -2.94 -24.07 -11.29
N LYS A 182 -3.33 -24.32 -12.53
CA LYS A 182 -2.80 -23.57 -13.66
C LYS A 182 -3.20 -22.09 -13.62
N LYS A 183 -4.49 -21.82 -13.49
CA LYS A 183 -4.98 -20.45 -13.54
C LYS A 183 -4.64 -19.67 -12.27
N ASN A 184 -4.68 -20.34 -11.13
CA ASN A 184 -4.35 -19.70 -9.85
C ASN A 184 -2.87 -19.35 -9.77
N PHE A 185 -2.02 -20.20 -10.33
CA PHE A 185 -0.59 -19.93 -10.37
C PHE A 185 -0.31 -18.67 -11.18
N LYS A 186 -1.11 -18.47 -12.23
CA LYS A 186 -1.00 -17.28 -13.07
C LYS A 186 -1.44 -16.04 -12.32
N VAL A 187 -2.49 -16.18 -11.52
CA VAL A 187 -2.99 -15.07 -10.71
C VAL A 187 -1.95 -14.70 -9.65
N PHE A 188 -1.31 -15.71 -9.08
CA PHE A 188 -0.28 -15.52 -8.07
C PHE A 188 0.92 -14.74 -8.63
N LEU A 189 1.33 -15.10 -9.84
CA LEU A 189 2.48 -14.45 -10.48
C LEU A 189 2.20 -13.00 -10.83
N GLU A 190 0.95 -12.71 -11.18
CA GLU A 190 0.57 -11.37 -11.60
C GLU A 190 0.54 -10.41 -10.41
N LYS A 191 0.17 -10.95 -9.25
CA LYS A 191 0.05 -10.17 -8.02
C LYS A 191 1.40 -9.82 -7.40
N LEU A 192 2.46 -10.44 -7.91
CA LEU A 192 3.79 -10.26 -7.35
C LEU A 192 4.36 -8.87 -7.59
N TYR A 193 3.91 -8.20 -8.65
CA TYR A 193 4.40 -6.87 -8.96
C TYR A 193 3.96 -5.86 -7.89
N GLU A 194 2.71 -5.98 -7.45
CA GLU A 194 2.19 -5.14 -6.39
C GLU A 194 3.00 -5.33 -5.12
N PHE A 195 3.37 -6.58 -4.85
CA PHE A 195 4.16 -6.91 -3.67
C PHE A 195 5.51 -6.19 -3.68
N VAL A 196 6.13 -6.14 -4.85
CA VAL A 196 7.41 -5.47 -5.01
C VAL A 196 7.25 -3.95 -4.98
N GLN A 197 6.29 -3.46 -5.75
CA GLN A 197 6.06 -2.02 -5.90
C GLN A 197 5.65 -1.34 -4.59
N MET A 198 4.93 -2.07 -3.75
CA MET A 198 4.37 -1.51 -2.51
C MET A 198 5.42 -0.84 -1.64
N LYS A 199 5.04 0.26 -1.02
CA LYS A 199 5.92 1.04 -0.17
C LYS A 199 6.21 0.34 1.15
N ARG A 200 6.98 1.00 2.01
CA ARG A 200 7.19 0.53 3.37
C ARG A 200 5.85 0.63 4.11
N PHE A 201 5.64 -0.27 5.07
CA PHE A 201 4.41 -0.32 5.87
C PHE A 201 3.17 -0.74 5.06
N GLU A 202 3.33 -0.84 3.74
CA GLU A 202 2.26 -1.36 2.88
C GLU A 202 2.43 -2.87 2.70
N ASN A 203 1.34 -3.61 2.90
CA ASN A 203 1.40 -5.07 2.79
C ASN A 203 0.26 -5.63 1.96
N GLN A 204 0.28 -6.94 1.74
CA GLN A 204 -0.78 -7.64 1.02
C GLN A 204 -1.48 -8.63 1.92
N LYS A 205 -2.75 -8.90 1.64
CA LYS A 205 -3.49 -9.93 2.35
C LYS A 205 -3.76 -11.12 1.43
N VAL A 206 -3.71 -12.31 2.02
CA VAL A 206 -4.01 -13.54 1.28
C VAL A 206 -5.46 -13.50 0.77
N LEU A 207 -6.28 -12.69 1.43
CA LEU A 207 -7.66 -12.47 1.03
C LEU A 207 -7.74 -11.96 -0.41
N ASP A 208 -6.82 -11.08 -0.78
CA ASP A 208 -6.82 -10.49 -2.12
C ASP A 208 -6.15 -11.39 -3.15
N TYR A 209 -5.61 -12.51 -2.70
CA TYR A 209 -5.07 -13.53 -3.59
C TYR A 209 -6.15 -14.54 -3.95
N ILE A 210 -6.62 -15.24 -2.92
CA ILE A 210 -7.61 -16.30 -3.06
C ILE A 210 -8.89 -15.89 -3.79
N CYS A 211 -9.35 -14.66 -3.54
CA CYS A 211 -10.63 -14.21 -4.08
C CYS A 211 -10.66 -14.20 -5.62
N PHE A 212 -9.49 -14.08 -6.23
CA PHE A 212 -9.38 -14.13 -7.69
C PHE A 212 -9.05 -15.54 -8.18
N MET A 213 -8.96 -16.49 -7.25
CA MET A 213 -8.60 -17.86 -7.61
C MET A 213 -9.78 -18.80 -7.52
N ASP A 214 -9.57 -20.04 -7.98
CA ASP A 214 -10.60 -21.07 -7.93
C ASP A 214 -10.03 -22.33 -7.26
N VAL A 215 -10.71 -22.78 -6.21
CA VAL A 215 -10.23 -23.95 -5.47
C VAL A 215 -10.39 -25.23 -6.29
N PHE A 216 -11.20 -25.17 -7.33
CA PHE A 216 -11.42 -26.31 -8.22
C PHE A 216 -10.32 -26.43 -9.26
N ASP A 217 -9.48 -25.40 -9.34
CA ASP A 217 -8.34 -25.42 -10.25
C ASP A 217 -7.22 -26.28 -9.68
N VAL A 218 -7.34 -26.62 -8.41
CA VAL A 218 -6.34 -27.45 -7.75
C VAL A 218 -6.75 -28.92 -7.86
N GLU A 219 -6.00 -29.68 -8.63
CA GLU A 219 -6.38 -31.05 -8.94
C GLU A 219 -5.96 -32.06 -7.88
N TRP A 220 -5.01 -31.67 -7.03
CA TRP A 220 -4.48 -32.61 -6.05
C TRP A 220 -5.17 -32.52 -4.70
N PHE A 221 -6.15 -31.63 -4.58
CA PHE A 221 -6.95 -31.58 -3.36
C PHE A 221 -7.77 -32.85 -3.29
N VAL A 222 -8.00 -33.36 -2.09
CA VAL A 222 -8.69 -34.64 -1.95
C VAL A 222 -10.07 -34.46 -1.35
N ASP A 223 -10.97 -35.38 -1.69
CA ASP A 223 -12.36 -35.32 -1.24
C ASP A 223 -12.62 -36.54 -0.38
N LEU A 224 -12.78 -36.34 0.92
CA LEU A 224 -13.20 -37.42 1.79
C LEU A 224 -14.69 -37.65 1.62
N LYS A 225 -15.08 -38.91 1.43
CA LYS A 225 -16.50 -39.29 1.39
C LYS A 225 -17.37 -38.37 0.51
N ASN A 226 -16.77 -37.77 -0.51
CA ASN A 226 -17.46 -36.94 -1.51
C ASN A 226 -18.33 -35.79 -1.00
N GLN A 227 -17.74 -34.70 -0.50
CA GLN A 227 -18.56 -33.49 -0.24
C GLN A 227 -18.46 -32.45 -1.35
N LYS A 228 -17.67 -32.75 -2.38
CA LYS A 228 -17.35 -31.76 -3.42
C LYS A 228 -18.60 -31.25 -4.14
N PHE A 229 -19.39 -32.17 -4.66
CA PHE A 229 -20.58 -31.80 -5.43
C PHE A 229 -21.86 -31.73 -4.61
N THR A 230 -21.81 -32.17 -3.35
CA THR A 230 -23.00 -32.14 -2.51
C THR A 230 -23.21 -30.75 -1.92
N GLN A 231 -22.41 -30.39 -0.94
CA GLN A 231 -22.32 -29.00 -0.51
C GLN A 231 -20.92 -28.49 -0.77
N LYS A 232 -20.76 -27.65 -1.79
CA LYS A 232 -19.44 -27.13 -2.12
C LYS A 232 -19.19 -25.77 -1.52
N ARG A 233 -20.22 -25.19 -0.88
CA ARG A 233 -20.02 -23.98 -0.12
C ARG A 233 -19.10 -24.34 1.05
N LYS A 234 -19.30 -25.56 1.53
CA LYS A 234 -18.44 -26.13 2.55
C LYS A 234 -17.07 -26.50 1.96
N TYR A 235 -17.08 -27.16 0.81
CA TYR A 235 -15.84 -27.61 0.18
C TYR A 235 -14.92 -26.43 -0.13
N ILE A 236 -15.51 -25.34 -0.64
CA ILE A 236 -14.75 -24.13 -0.90
C ILE A 236 -14.24 -23.58 0.43
N SER A 237 -15.08 -23.61 1.45
CA SER A 237 -14.70 -23.13 2.78
C SER A 237 -13.51 -23.88 3.37
N ASP A 238 -13.50 -25.20 3.24
CA ASP A 238 -12.38 -26.01 3.77
C ASP A 238 -11.11 -25.87 2.92
N LYS A 239 -11.28 -25.89 1.59
CA LYS A 239 -10.11 -25.89 0.71
C LYS A 239 -9.45 -24.51 0.58
N ARG A 240 -10.22 -23.44 0.80
CA ARG A 240 -9.65 -22.09 0.72
C ARG A 240 -8.64 -21.87 1.85
N LYS A 241 -8.84 -22.57 2.96
CA LYS A 241 -7.93 -22.50 4.09
C LYS A 241 -6.59 -23.08 3.72
N ILE A 242 -6.61 -24.16 2.95
CA ILE A 242 -5.39 -24.82 2.49
C ILE A 242 -4.69 -24.00 1.42
N LEU A 243 -5.47 -23.46 0.49
CA LEU A 243 -4.92 -22.65 -0.59
C LEU A 243 -4.22 -21.40 -0.06
N GLY A 244 -4.74 -20.87 1.04
CA GLY A 244 -4.12 -19.72 1.69
C GLY A 244 -2.78 -20.09 2.30
N ASP A 245 -2.72 -21.28 2.88
CA ASP A 245 -1.48 -21.77 3.47
C ASP A 245 -0.41 -21.96 2.40
N LEU A 246 -0.85 -22.35 1.21
CA LEU A 246 0.06 -22.54 0.08
C LEU A 246 0.60 -21.21 -0.42
N ILE A 247 -0.28 -20.21 -0.49
CA ILE A 247 0.11 -18.87 -0.93
C ILE A 247 1.10 -18.27 0.05
N VAL A 248 0.81 -18.43 1.33
CA VAL A 248 1.71 -17.98 2.39
C VAL A 248 3.05 -18.70 2.27
N PHE A 249 2.99 -20.01 2.01
CA PHE A 249 4.19 -20.83 1.90
C PHE A 249 5.14 -20.32 0.82
N ILE A 250 4.61 -20.03 -0.37
CA ILE A 250 5.43 -19.56 -1.47
C ILE A 250 6.00 -18.18 -1.18
N ILE A 251 5.15 -17.28 -0.68
CA ILE A 251 5.58 -15.91 -0.43
C ILE A 251 6.54 -15.82 0.76
N ASN A 252 6.15 -16.41 1.89
CA ASN A 252 6.95 -16.32 3.11
C ASN A 252 8.23 -17.16 3.09
N LYS A 253 8.16 -18.37 2.56
CA LYS A 253 9.32 -19.26 2.58
C LYS A 253 10.18 -19.24 1.32
N ILE A 254 9.72 -18.55 0.27
CA ILE A 254 10.50 -18.49 -0.97
C ILE A 254 10.70 -17.07 -1.50
N VAL A 255 9.61 -16.42 -1.88
CA VAL A 255 9.67 -15.07 -2.46
C VAL A 255 10.40 -14.08 -1.57
N ILE A 256 9.95 -13.96 -0.32
CA ILE A 256 10.55 -13.04 0.63
C ILE A 256 12.00 -13.38 1.01
N PRO A 257 12.30 -14.66 1.31
CA PRO A 257 13.70 -14.95 1.64
C PRO A 257 14.65 -14.77 0.45
N VAL A 258 14.16 -14.95 -0.77
CA VAL A 258 14.96 -14.69 -1.96
C VAL A 258 15.32 -13.20 -2.02
N LEU A 259 14.31 -12.36 -1.82
CA LEU A 259 14.48 -10.91 -1.84
C LEU A 259 15.39 -10.43 -0.70
N ARG A 260 15.14 -10.96 0.49
CA ARG A 260 15.93 -10.60 1.66
C ARG A 260 17.41 -10.90 1.47
N TYR A 261 17.69 -12.12 1.05
CA TYR A 261 19.05 -12.62 0.92
C TYR A 261 19.87 -11.88 -0.13
N ASN A 262 19.34 -11.80 -1.34
CA ASN A 262 20.07 -11.25 -2.48
C ASN A 262 20.06 -9.73 -2.57
N PHE A 263 19.10 -9.08 -1.92
CA PHE A 263 18.95 -7.64 -2.03
C PHE A 263 18.88 -6.93 -0.68
N TYR A 264 19.44 -5.72 -0.64
CA TYR A 264 19.21 -4.85 0.51
C TYR A 264 18.08 -3.90 0.16
N ILE A 265 16.95 -4.06 0.82
CA ILE A 265 15.77 -3.27 0.52
C ILE A 265 15.51 -2.25 1.63
N THR A 266 15.43 -0.98 1.24
CA THR A 266 15.25 0.11 2.19
C THR A 266 14.53 1.28 1.55
N GLU A 267 14.33 2.34 2.32
CA GLU A 267 13.73 3.57 1.80
C GLU A 267 14.65 4.76 2.07
N LYS A 268 14.65 5.72 1.15
CA LYS A 268 15.46 6.92 1.30
C LYS A 268 14.72 7.94 2.16
N HIS A 269 15.47 8.83 2.80
CA HIS A 269 14.88 9.89 3.61
C HIS A 269 14.08 10.86 2.73
N LYS A 270 14.62 11.14 1.54
CA LYS A 270 14.01 12.11 0.64
C LYS A 270 12.85 11.53 -0.18
N GLU A 271 12.81 10.20 -0.28
CA GLU A 271 11.85 9.54 -1.17
C GLU A 271 10.56 9.10 -0.48
N GLY A 272 10.44 9.38 0.81
CA GLY A 272 9.24 9.01 1.55
C GLY A 272 9.22 7.54 1.94
N SER A 273 8.03 6.96 1.94
CA SER A 273 7.85 5.57 2.34
C SER A 273 8.16 4.63 1.17
N GLN A 274 8.41 5.22 0.01
CA GLN A 274 8.75 4.46 -1.19
C GLN A 274 10.07 3.71 -0.98
N ILE A 275 10.15 2.49 -1.50
CA ILE A 275 11.28 1.63 -1.18
C ILE A 275 12.15 1.33 -2.40
N PHE A 276 13.42 1.01 -2.15
CA PHE A 276 14.35 0.75 -3.24
C PHE A 276 15.09 -0.56 -3.06
N TYR A 277 15.37 -1.24 -4.17
CA TYR A 277 16.04 -2.52 -4.14
C TYR A 277 17.51 -2.37 -4.55
N TYR A 278 18.41 -2.60 -3.60
CA TYR A 278 19.83 -2.53 -3.86
C TYR A 278 20.42 -3.93 -3.88
N ARG A 279 21.35 -4.17 -4.80
CA ARG A 279 22.06 -5.44 -4.83
C ARG A 279 22.93 -5.57 -3.59
N LYS A 280 22.94 -6.77 -3.00
CA LYS A 280 23.76 -7.07 -1.84
C LYS A 280 25.24 -6.63 -1.99
N PRO A 281 25.87 -6.95 -3.14
CA PRO A 281 27.26 -6.50 -3.29
C PRO A 281 27.41 -4.99 -3.31
N ILE A 282 26.45 -4.31 -3.94
CA ILE A 282 26.44 -2.86 -3.99
C ILE A 282 26.35 -2.31 -2.58
N TRP A 283 25.48 -2.89 -1.76
CA TRP A 283 25.28 -2.39 -0.40
C TRP A 283 26.50 -2.69 0.47
N LYS A 284 27.21 -3.77 0.18
CA LYS A 284 28.44 -4.07 0.90
C LYS A 284 29.46 -2.96 0.68
N LEU A 285 29.46 -2.42 -0.53
CA LEU A 285 30.30 -1.26 -0.85
C LEU A 285 29.84 -0.05 -0.03
N VAL A 286 28.53 0.19 -0.02
CA VAL A 286 27.95 1.29 0.73
C VAL A 286 28.25 1.19 2.22
N SER A 287 27.97 0.02 2.78
CA SER A 287 28.19 -0.26 4.20
C SER A 287 29.65 -0.05 4.55
N LYS A 288 30.54 -0.47 3.66
CA LYS A 288 31.97 -0.37 3.88
C LYS A 288 32.45 1.07 3.72
N LEU A 289 31.71 1.85 2.95
CA LEU A 289 32.05 3.26 2.75
C LEU A 289 31.46 4.13 3.85
N THR A 290 30.51 3.58 4.60
CA THR A 290 29.98 4.25 5.79
C THR A 290 30.92 4.03 6.98
N ILE A 291 31.55 2.86 7.00
CA ILE A 291 32.45 2.49 8.09
C ILE A 291 33.70 3.36 8.08
N VAL A 292 34.15 3.75 6.89
CA VAL A 292 35.32 4.62 6.79
C VAL A 292 34.97 6.03 7.26
N LYS A 293 33.69 6.29 7.46
CA LYS A 293 33.21 7.58 7.94
C LYS A 293 33.12 7.62 9.46
N LEU A 294 33.61 6.56 10.12
CA LEU A 294 33.64 6.50 11.58
C LEU A 294 34.32 7.74 12.17
N GLU A 295 35.24 8.32 11.41
CA GLU A 295 35.87 9.58 11.77
C GLU A 295 34.99 10.75 11.30
N GLU A 296 34.84 10.85 9.99
CA GLU A 296 34.03 11.89 9.35
C GLU A 296 34.52 13.28 9.73
N GLN B 5 13.97 11.76 12.64
CA GLN B 5 12.70 11.76 11.93
C GLN B 5 11.63 12.53 12.71
N TYR B 6 10.72 13.17 11.99
CA TYR B 6 9.59 13.86 12.63
C TYR B 6 8.41 12.95 12.96
N ILE B 7 8.19 11.93 12.14
CA ILE B 7 7.05 11.01 12.33
C ILE B 7 5.73 11.76 12.29
N TYR B 8 5.30 12.14 11.08
CA TYR B 8 4.08 12.91 10.86
C TYR B 8 2.85 12.21 11.44
N PRO B 9 1.83 13.00 11.83
CA PRO B 9 0.58 12.42 12.35
C PRO B 9 -0.08 11.45 11.38
N GLU B 10 -0.66 10.38 11.92
CA GLU B 10 -1.24 9.33 11.10
C GLU B 10 -2.67 9.65 10.66
N ILE B 11 -2.96 9.37 9.39
CA ILE B 11 -4.29 9.49 8.83
C ILE B 11 -5.18 8.30 9.17
N GLN B 12 -6.34 8.54 9.77
CA GLN B 12 -7.23 7.43 10.08
C GLN B 12 -8.21 7.23 8.93
N ARG B 13 -7.99 6.18 8.17
CA ARG B 13 -8.81 5.90 7.00
C ARG B 13 -9.87 4.87 7.33
N SER B 14 -9.82 4.34 8.54
CA SER B 14 -10.75 3.31 8.98
C SER B 14 -12.07 3.92 9.41
N GLN B 15 -12.09 5.24 9.54
CA GLN B 15 -13.28 5.95 9.98
C GLN B 15 -14.32 6.06 8.87
N ILE B 16 -13.86 6.10 7.62
CA ILE B 16 -14.77 6.25 6.48
C ILE B 16 -15.68 5.03 6.34
N PHE B 17 -15.28 3.93 6.95
CA PHE B 17 -15.97 2.66 6.80
C PHE B 17 -17.14 2.47 7.78
N TYR B 18 -18.20 1.84 7.30
CA TYR B 18 -19.28 1.31 8.13
C TYR B 18 -20.08 2.38 8.88
N CYS B 19 -20.36 3.50 8.23
CA CYS B 19 -21.21 4.53 8.82
C CYS B 19 -22.64 4.39 8.30
N ASN B 20 -23.57 4.04 9.19
CA ASN B 20 -24.95 3.80 8.80
C ASN B 20 -25.83 5.03 8.87
N HIS B 21 -25.32 6.11 9.45
CA HIS B 21 -26.15 7.28 9.73
C HIS B 21 -26.46 8.07 8.47
N MET B 22 -27.76 8.24 8.20
CA MET B 22 -28.20 9.10 7.12
C MET B 22 -28.66 10.43 7.70
N GLY B 23 -28.17 11.52 7.13
CA GLY B 23 -28.36 12.84 7.70
C GLY B 23 -29.39 13.75 7.07
N ARG B 24 -30.40 13.18 6.40
CA ARG B 24 -31.35 13.98 5.62
C ARG B 24 -30.59 14.76 4.55
N GLU B 25 -30.60 16.09 4.66
CA GLU B 25 -29.88 16.94 3.72
C GLU B 25 -28.40 16.56 3.74
N PRO B 26 -27.80 16.40 2.56
CA PRO B 26 -26.39 15.98 2.51
C PRO B 26 -25.45 17.04 3.09
N GLY B 27 -24.20 16.67 3.31
CA GLY B 27 -23.30 17.55 4.03
C GLY B 27 -22.26 16.79 4.82
N VAL B 28 -21.80 17.43 5.89
CA VAL B 28 -20.94 16.80 6.88
C VAL B 28 -21.76 16.71 8.17
N PHE B 29 -21.17 16.24 9.26
CA PHE B 29 -21.93 15.97 10.49
C PHE B 29 -22.21 17.28 11.22
N LYS B 30 -23.15 17.25 12.17
CA LYS B 30 -23.42 18.41 13.02
C LYS B 30 -22.33 18.54 14.07
N SER B 31 -21.60 17.46 14.30
CA SER B 31 -20.51 17.46 15.27
C SER B 31 -19.28 18.13 14.69
N SER B 32 -19.21 18.18 13.36
CA SER B 32 -18.06 18.73 12.65
C SER B 32 -17.91 20.22 12.90
N PHE B 33 -16.68 20.72 12.72
CA PHE B 33 -16.39 22.13 12.93
C PHE B 33 -17.08 23.03 11.91
N PHE B 34 -17.60 22.44 10.85
CA PHE B 34 -18.32 23.19 9.81
C PHE B 34 -19.62 23.75 10.37
N ASN B 35 -20.26 22.96 11.24
CA ASN B 35 -21.53 23.34 11.83
C ASN B 35 -21.44 23.45 13.35
N TYR B 36 -21.55 24.67 13.87
CA TYR B 36 -21.47 24.89 15.30
C TYR B 36 -22.66 25.69 15.82
N LEU B 77 -11.55 22.53 15.14
CA LEU B 77 -10.19 22.91 14.76
C LEU B 77 -9.49 23.65 15.90
N LYS B 78 -9.96 23.40 17.12
CA LYS B 78 -9.38 24.05 18.30
C LYS B 78 -8.08 23.38 18.73
N GLU B 79 -8.06 22.05 18.67
CA GLU B 79 -6.86 21.28 18.99
C GLU B 79 -5.74 21.57 17.99
N TYR B 80 -6.15 22.01 16.80
CA TYR B 80 -5.25 22.12 15.65
C TYR B 80 -4.63 23.50 15.62
N GLN B 81 -4.98 24.32 16.60
CA GLN B 81 -4.30 25.59 16.80
C GLN B 81 -3.41 25.40 18.01
N SER B 82 -2.12 25.11 17.78
CA SER B 82 -1.06 25.10 18.80
C SER B 82 0.19 24.41 18.23
N LYS B 83 1.20 24.28 19.09
CA LYS B 83 2.44 23.54 18.82
C LYS B 83 3.32 23.98 17.64
N ASN B 84 3.37 23.16 16.60
CA ASN B 84 4.40 23.31 15.56
C ASN B 84 4.35 24.64 14.82
N PHE B 85 3.30 25.41 15.03
CA PHE B 85 3.24 26.76 14.49
C PHE B 85 4.36 27.61 15.08
N SER B 86 4.99 28.42 14.24
CA SER B 86 5.89 29.44 14.76
C SER B 86 5.04 30.58 15.29
N CYS B 87 5.54 31.19 16.37
CA CYS B 87 4.97 32.35 17.04
C CYS B 87 3.49 32.16 17.24
N GLN B 88 2.73 33.25 17.23
CA GLN B 88 1.26 33.11 17.20
C GLN B 88 0.63 33.64 15.89
N GLU B 89 1.41 34.27 15.03
CA GLU B 89 0.84 34.91 13.84
C GLU B 89 0.46 33.87 12.80
N GLU B 90 1.29 32.85 12.65
CA GLU B 90 0.99 31.74 11.76
C GLU B 90 -0.28 31.07 12.25
N ARG B 91 -0.42 31.03 13.57
CA ARG B 91 -1.56 30.39 14.19
C ARG B 91 -2.88 31.12 13.86
N ASP B 92 -2.83 32.46 13.76
CA ASP B 92 -4.03 33.21 13.35
C ASP B 92 -4.23 33.18 11.83
N LEU B 93 -3.12 33.21 11.09
CA LEU B 93 -3.16 33.17 9.64
C LEU B 93 -3.80 31.85 9.23
N PHE B 94 -3.53 30.80 9.98
CA PHE B 94 -4.18 29.51 9.74
C PHE B 94 -5.64 29.55 10.17
N LEU B 95 -5.92 30.18 11.31
CA LEU B 95 -7.28 30.26 11.81
C LEU B 95 -8.21 31.06 10.91
N GLU B 96 -7.66 32.07 10.22
CA GLU B 96 -8.42 32.86 9.26
C GLU B 96 -8.77 32.03 8.02
N PHE B 97 -7.88 31.10 7.68
CA PHE B 97 -8.16 30.14 6.62
C PHE B 97 -9.30 29.22 7.03
N THR B 98 -9.35 28.86 8.31
CA THR B 98 -10.38 27.96 8.81
C THR B 98 -11.79 28.52 8.65
N GLU B 99 -11.97 29.80 8.98
CA GLU B 99 -13.29 30.41 8.81
C GLU B 99 -13.53 30.71 7.32
N LYS B 100 -12.45 30.88 6.58
CA LYS B 100 -12.53 30.94 5.12
C LYS B 100 -13.01 29.59 4.58
N ILE B 101 -12.59 28.52 5.24
CA ILE B 101 -12.94 27.17 4.83
C ILE B 101 -14.41 26.86 5.13
N VAL B 102 -14.86 27.16 6.35
CA VAL B 102 -16.25 26.89 6.73
C VAL B 102 -17.19 27.79 5.94
N GLN B 103 -16.68 28.93 5.48
CA GLN B 103 -17.47 29.87 4.70
C GLN B 103 -17.82 29.31 3.33
N ASN B 104 -16.81 28.84 2.62
CA ASN B 104 -17.01 28.27 1.29
C ASN B 104 -17.77 26.96 1.34
N PHE B 105 -17.68 26.28 2.49
CA PHE B 105 -18.33 24.98 2.66
C PHE B 105 -19.85 25.11 2.68
N HIS B 106 -20.34 26.16 3.32
CA HIS B 106 -21.78 26.39 3.41
C HIS B 106 -22.35 26.86 2.09
N ASN B 107 -21.48 27.36 1.21
CA ASN B 107 -21.90 27.80 -0.11
C ASN B 107 -21.97 26.64 -1.09
N ILE B 108 -21.42 25.50 -0.68
CA ILE B 108 -21.46 24.28 -1.47
C ILE B 108 -22.85 23.64 -1.43
N ASN B 109 -23.38 23.32 -2.60
CA ASN B 109 -24.64 22.59 -2.66
C ASN B 109 -24.34 21.12 -2.93
N PHE B 110 -24.56 20.29 -1.92
CA PHE B 110 -24.20 18.89 -2.00
C PHE B 110 -25.20 18.10 -2.84
N ASN B 111 -26.43 18.63 -2.93
CA ASN B 111 -27.45 18.02 -3.77
C ASN B 111 -27.04 18.04 -5.23
N TYR B 112 -26.44 19.15 -5.66
CA TYR B 112 -25.97 19.28 -7.04
C TYR B 112 -24.70 18.48 -7.29
N LEU B 113 -23.74 18.61 -6.38
CA LEU B 113 -22.44 17.96 -6.54
C LEU B 113 -22.54 16.43 -6.56
N LEU B 114 -23.46 15.88 -5.78
CA LEU B 114 -23.66 14.43 -5.79
C LEU B 114 -24.08 13.95 -7.18
N LYS B 115 -25.27 14.34 -7.61
CA LYS B 115 -25.83 13.90 -8.89
C LYS B 115 -24.88 14.05 -10.08
N LYS B 116 -24.20 15.19 -10.13
CA LYS B 116 -23.26 15.47 -11.20
C LYS B 116 -22.16 14.42 -11.19
N PHE B 117 -21.69 14.08 -9.99
CA PHE B 117 -20.63 13.10 -9.85
C PHE B 117 -21.18 11.77 -9.35
N CYS B 118 -21.52 11.69 -8.07
CA CYS B 118 -22.01 10.43 -7.51
C CYS B 118 -23.53 10.35 -7.55
N LYS B 119 -24.05 9.50 -8.44
CA LYS B 119 -25.47 9.53 -8.75
C LYS B 119 -26.21 8.26 -8.37
N LEU B 120 -27.39 8.44 -7.78
CA LEU B 120 -28.30 7.33 -7.55
C LEU B 120 -28.81 6.82 -8.89
N PRO B 121 -29.12 5.51 -8.97
CA PRO B 121 -29.61 4.95 -10.22
C PRO B 121 -30.92 5.58 -10.67
N GLU B 122 -31.20 5.51 -11.97
CA GLU B 122 -32.45 6.02 -12.50
C GLU B 122 -33.62 5.19 -11.98
N ASN B 123 -33.30 3.97 -11.53
CA ASN B 123 -34.29 3.02 -11.03
C ASN B 123 -34.54 3.11 -9.53
N TYR B 124 -33.92 4.08 -8.85
CA TYR B 124 -34.01 4.17 -7.40
C TYR B 124 -35.44 4.18 -6.87
N GLN B 125 -36.32 4.96 -7.50
CA GLN B 125 -37.72 4.97 -7.14
C GLN B 125 -38.36 3.60 -7.34
N SER B 126 -37.97 2.94 -8.42
CA SER B 126 -38.44 1.59 -8.68
C SER B 126 -37.84 0.61 -7.68
N LEU B 127 -36.56 0.81 -7.36
CA LEU B 127 -35.87 -0.04 -6.39
C LEU B 127 -36.38 0.17 -4.96
N LYS B 128 -36.70 1.42 -4.62
CA LYS B 128 -37.19 1.74 -3.28
C LYS B 128 -38.59 1.16 -3.05
N SER B 129 -39.39 1.12 -4.12
CA SER B 129 -40.73 0.57 -4.07
C SER B 129 -40.75 -0.94 -3.86
N GLN B 130 -39.83 -1.63 -4.52
CA GLN B 130 -39.84 -3.10 -4.58
C GLN B 130 -39.60 -3.79 -3.24
N VAL B 131 -38.93 -3.12 -2.31
CA VAL B 131 -38.70 -3.70 -0.98
C VAL B 131 -39.91 -3.51 -0.07
N LYS B 132 -40.81 -2.62 -0.44
CA LYS B 132 -42.04 -2.39 0.32
C LYS B 132 -43.10 -3.44 -0.01
N ASN B 148 -34.45 -11.06 -3.54
CA ASN B 148 -33.07 -11.48 -3.81
C ASN B 148 -32.61 -11.09 -5.20
N LEU B 149 -33.56 -10.92 -6.12
CA LEU B 149 -33.24 -10.50 -7.48
C LEU B 149 -32.92 -9.01 -7.48
N PHE B 150 -33.56 -8.29 -6.57
CA PHE B 150 -33.31 -6.87 -6.36
C PHE B 150 -32.02 -6.66 -5.56
N ASN B 151 -31.64 -7.68 -4.81
CA ASN B 151 -30.49 -7.65 -3.91
C ASN B 151 -29.17 -7.38 -4.63
N SER B 152 -29.18 -7.53 -5.95
CA SER B 152 -28.01 -7.29 -6.79
C SER B 152 -27.87 -5.80 -7.05
N LEU B 153 -28.68 -5.01 -6.34
CA LEU B 153 -28.65 -3.54 -6.41
C LEU B 153 -27.29 -3.01 -5.97
N TYR B 154 -26.40 -3.92 -5.57
CA TYR B 154 -24.99 -3.62 -5.35
C TYR B 154 -24.43 -3.13 -6.70
N ASP B 155 -25.23 -3.34 -7.75
CA ASP B 155 -25.03 -2.76 -9.06
C ASP B 155 -24.91 -1.24 -8.97
N THR B 156 -25.50 -0.68 -7.92
CA THR B 156 -25.49 0.77 -7.76
C THR B 156 -24.29 1.11 -6.90
N GLU B 157 -23.27 1.69 -7.52
CA GLU B 157 -22.03 2.01 -6.84
C GLU B 157 -21.34 3.17 -7.53
N ILE B 158 -20.59 3.95 -6.76
CA ILE B 158 -19.91 5.09 -7.33
C ILE B 158 -18.44 4.74 -7.55
N SER B 159 -17.98 4.89 -8.78
CA SER B 159 -16.62 4.50 -9.15
C SER B 159 -15.57 5.36 -8.43
N TYR B 160 -14.37 4.81 -8.28
CA TYR B 160 -13.28 5.51 -7.60
C TYR B 160 -12.96 6.84 -8.27
N LYS B 161 -13.01 6.88 -9.60
CA LYS B 161 -12.78 8.10 -10.34
C LYS B 161 -13.90 9.11 -10.06
N GLN B 162 -15.12 8.59 -10.02
CA GLN B 162 -16.29 9.39 -9.69
C GLN B 162 -16.19 10.00 -8.29
N ILE B 163 -15.88 9.14 -7.30
CA ILE B 163 -15.73 9.58 -5.92
C ILE B 163 -14.62 10.63 -5.81
N THR B 164 -13.52 10.40 -6.51
CA THR B 164 -12.39 11.33 -6.50
C THR B 164 -12.76 12.67 -7.10
N ASN B 165 -13.50 12.64 -8.21
CA ASN B 165 -13.99 13.86 -8.85
C ASN B 165 -14.88 14.64 -7.90
N PHE B 166 -15.64 13.91 -7.09
CA PHE B 166 -16.51 14.50 -6.08
C PHE B 166 -15.67 15.18 -4.99
N LEU B 167 -14.69 14.44 -4.47
CA LEU B 167 -13.80 14.97 -3.44
C LEU B 167 -12.99 16.17 -3.93
N ARG B 168 -12.40 16.04 -5.11
CA ARG B 168 -11.61 17.13 -5.69
C ARG B 168 -12.45 18.39 -5.91
N GLN B 169 -13.70 18.21 -6.33
CA GLN B 169 -14.58 19.34 -6.58
C GLN B 169 -14.90 20.10 -5.29
N ILE B 170 -15.06 19.36 -4.20
CA ILE B 170 -15.33 19.96 -2.90
C ILE B 170 -14.10 20.71 -2.37
N ILE B 171 -12.96 20.04 -2.35
CA ILE B 171 -11.73 20.62 -1.84
C ILE B 171 -11.35 21.89 -2.58
N GLN B 172 -11.48 21.87 -3.91
CA GLN B 172 -11.17 23.03 -4.73
C GLN B 172 -12.09 24.20 -4.39
N ASN B 173 -13.34 23.88 -4.07
CA ASN B 173 -14.30 24.90 -3.66
C ASN B 173 -14.12 25.29 -2.19
N CYS B 174 -13.87 24.30 -1.34
CA CYS B 174 -13.77 24.51 0.09
C CYS B 174 -12.42 25.09 0.53
N VAL B 175 -11.33 24.52 0.02
CA VAL B 175 -10.00 24.88 0.50
C VAL B 175 -9.26 25.81 -0.46
N PRO B 176 -8.82 26.98 0.04
CA PRO B 176 -8.03 27.95 -0.72
C PRO B 176 -6.68 27.37 -1.17
N ASN B 177 -6.21 27.79 -2.34
CA ASN B 177 -4.94 27.30 -2.86
C ASN B 177 -3.74 27.88 -2.12
N GLN B 178 -3.95 28.97 -1.40
CA GLN B 178 -2.85 29.63 -0.70
C GLN B 178 -2.48 28.93 0.60
N LEU B 179 -3.36 28.04 1.07
CA LEU B 179 -3.11 27.32 2.31
C LEU B 179 -1.91 26.39 2.18
N LEU B 180 -1.98 25.49 1.19
CA LEU B 180 -0.88 24.55 0.94
C LEU B 180 0.11 25.09 -0.09
N GLY B 181 -0.24 26.19 -0.75
CA GLY B 181 0.51 26.66 -1.89
C GLY B 181 -0.11 26.13 -3.16
N LYS B 182 0.17 26.78 -4.28
CA LYS B 182 -0.49 26.44 -5.55
C LYS B 182 -0.10 25.04 -6.07
N LYS B 183 1.20 24.77 -6.16
CA LYS B 183 1.67 23.52 -6.73
C LYS B 183 1.47 22.34 -5.78
N ASN B 184 1.61 22.58 -4.48
CA ASN B 184 1.40 21.54 -3.49
C ASN B 184 -0.06 21.12 -3.44
N PHE B 185 -0.96 22.08 -3.65
CA PHE B 185 -2.39 21.82 -3.69
C PHE B 185 -2.71 20.88 -4.85
N LYS B 186 -1.96 21.01 -5.94
CA LYS B 186 -2.13 20.14 -7.10
C LYS B 186 -1.72 18.72 -6.78
N VAL B 187 -0.63 18.59 -6.01
CA VAL B 187 -0.14 17.29 -5.58
C VAL B 187 -1.11 16.64 -4.60
N PHE B 188 -1.70 17.46 -3.74
CA PHE B 188 -2.67 16.97 -2.75
C PHE B 188 -3.88 16.35 -3.44
N LEU B 189 -4.37 17.02 -4.48
CA LEU B 189 -5.52 16.53 -5.24
C LEU B 189 -5.13 15.26 -5.99
N GLU B 190 -3.86 15.17 -6.36
CA GLU B 190 -3.34 14.04 -7.12
C GLU B 190 -3.29 12.77 -6.28
N LYS B 191 -2.96 12.91 -5.00
CA LYS B 191 -2.85 11.77 -4.11
C LYS B 191 -4.21 11.31 -3.61
N LEU B 192 -5.24 12.13 -3.85
CA LEU B 192 -6.58 11.84 -3.34
C LEU B 192 -7.22 10.64 -4.03
N TYR B 193 -6.82 10.37 -5.27
CA TYR B 193 -7.37 9.23 -5.99
C TYR B 193 -6.89 7.91 -5.38
N GLU B 194 -5.61 7.88 -5.00
CA GLU B 194 -5.04 6.71 -4.35
C GLU B 194 -5.74 6.43 -3.04
N PHE B 195 -6.07 7.50 -2.31
CA PHE B 195 -6.77 7.39 -1.03
C PHE B 195 -8.12 6.70 -1.20
N VAL B 196 -8.83 7.05 -2.28
CA VAL B 196 -10.13 6.46 -2.57
C VAL B 196 -9.98 5.03 -3.08
N GLN B 197 -9.07 4.84 -4.04
CA GLN B 197 -8.87 3.55 -4.69
C GLN B 197 -8.38 2.46 -3.73
N MET B 198 -7.61 2.87 -2.72
CA MET B 198 -7.00 1.94 -1.77
C MET B 198 -8.00 1.01 -1.11
N LYS B 199 -7.60 -0.24 -0.90
CA LYS B 199 -8.46 -1.23 -0.27
C LYS B 199 -8.59 -0.95 1.22
N ARG B 200 -9.33 -1.80 1.92
CA ARG B 200 -9.34 -1.77 3.38
C ARG B 200 -7.95 -2.19 3.86
N PHE B 201 -7.58 -1.71 5.04
CA PHE B 201 -6.28 -1.98 5.68
C PHE B 201 -5.13 -1.30 4.95
N GLU B 202 -5.43 -0.74 3.78
CA GLU B 202 -4.46 0.07 3.05
C GLU B 202 -4.64 1.54 3.42
N ASN B 203 -3.55 2.20 3.77
CA ASN B 203 -3.62 3.60 4.17
C ASN B 203 -2.54 4.42 3.47
N GLN B 204 -2.56 5.73 3.70
CA GLN B 204 -1.54 6.61 3.14
C GLN B 204 -0.72 7.23 4.27
N LYS B 205 0.51 7.60 3.95
CA LYS B 205 1.36 8.29 4.90
C LYS B 205 1.49 9.75 4.47
N VAL B 206 1.47 10.65 5.45
CA VAL B 206 1.68 12.07 5.17
C VAL B 206 3.09 12.27 4.61
N LEU B 207 3.97 11.33 4.94
CA LEU B 207 5.34 11.32 4.44
C LEU B 207 5.39 11.29 2.91
N ASP B 208 4.46 10.56 2.30
CA ASP B 208 4.42 10.42 0.85
C ASP B 208 3.73 11.62 0.20
N TYR B 209 3.23 12.50 1.06
CA TYR B 209 2.68 13.78 0.62
C TYR B 209 3.78 14.83 0.64
N ILE B 210 4.34 15.05 1.82
CA ILE B 210 5.36 16.07 2.06
C ILE B 210 6.55 15.98 1.10
N CYS B 211 6.97 14.75 0.79
CA CYS B 211 8.14 14.54 -0.06
C CYS B 211 7.92 15.07 -1.46
N PHE B 212 6.67 15.16 -1.88
CA PHE B 212 6.32 15.64 -3.20
C PHE B 212 5.98 17.13 -3.20
N MET B 213 6.09 17.77 -2.04
CA MET B 213 5.75 19.18 -1.90
C MET B 213 6.95 20.04 -1.53
N ASP B 214 6.79 21.35 -1.68
CA ASP B 214 7.84 22.31 -1.34
C ASP B 214 7.31 23.38 -0.40
N VAL B 215 7.96 23.54 0.74
CA VAL B 215 7.52 24.49 1.77
C VAL B 215 7.70 25.94 1.35
N PHE B 216 8.50 26.18 0.32
CA PHE B 216 8.72 27.53 -0.17
C PHE B 216 7.58 27.99 -1.06
N ASP B 217 6.72 27.05 -1.43
CA ASP B 217 5.53 27.36 -2.22
C ASP B 217 4.44 27.96 -1.33
N VAL B 218 4.64 27.84 -0.02
CA VAL B 218 3.69 28.38 0.95
C VAL B 218 4.10 29.80 1.36
N GLU B 219 3.29 30.77 0.96
CA GLU B 219 3.64 32.18 1.14
C GLU B 219 3.27 32.80 2.48
N TRP B 220 2.41 32.14 3.24
CA TRP B 220 1.90 32.72 4.49
C TRP B 220 2.70 32.29 5.71
N PHE B 221 3.75 31.52 5.49
CA PHE B 221 4.66 31.11 6.57
C PHE B 221 5.44 32.29 7.15
N VAL B 222 5.78 32.18 8.44
CA VAL B 222 6.41 33.25 9.20
C VAL B 222 7.88 32.91 9.50
N ASP B 223 8.67 33.95 9.70
CA ASP B 223 10.13 33.94 9.89
C ASP B 223 10.90 33.42 8.68
N LEU B 224 12.06 32.86 8.97
CA LEU B 224 12.90 32.08 8.05
C LEU B 224 14.23 31.82 8.75
N LYS B 225 14.93 30.78 8.32
CA LYS B 225 16.29 30.56 8.79
C LYS B 225 17.11 30.21 7.56
N ASN B 226 18.09 31.06 7.26
CA ASN B 226 18.94 30.84 6.10
C ASN B 226 20.06 29.85 6.37
N GLN B 227 20.11 29.35 7.60
CA GLN B 227 21.04 28.28 7.96
C GLN B 227 20.33 26.93 7.94
N LYS B 232 17.84 27.29 5.86
CA LYS B 232 17.35 26.62 4.65
C LYS B 232 16.87 25.20 4.96
N ARG B 233 17.80 24.27 5.07
CA ARG B 233 17.49 22.90 5.46
C ARG B 233 16.91 22.84 6.86
N LYS B 234 17.36 23.75 7.73
CA LYS B 234 16.81 23.86 9.07
C LYS B 234 15.39 24.41 8.96
N TYR B 235 15.23 25.45 8.14
CA TYR B 235 13.93 26.07 7.92
C TYR B 235 12.91 25.11 7.30
N ILE B 236 13.36 24.32 6.33
CA ILE B 236 12.50 23.33 5.67
C ILE B 236 11.98 22.30 6.67
N SER B 237 12.87 21.84 7.54
CA SER B 237 12.52 20.86 8.56
C SER B 237 11.40 21.36 9.48
N ASP B 238 11.46 22.64 9.83
CA ASP B 238 10.49 23.22 10.75
C ASP B 238 9.12 23.41 10.10
N LYS B 239 9.11 23.90 8.87
CA LYS B 239 7.86 24.22 8.17
C LYS B 239 7.17 22.98 7.62
N ARG B 240 7.95 21.93 7.38
CA ARG B 240 7.40 20.68 6.90
C ARG B 240 6.48 20.05 7.95
N LYS B 241 6.76 20.36 9.22
CA LYS B 241 5.92 19.90 10.32
C LYS B 241 4.51 20.50 10.21
N ILE B 242 4.48 21.78 9.84
CA ILE B 242 3.24 22.51 9.69
C ILE B 242 2.51 22.06 8.44
N LEU B 243 3.27 21.86 7.36
CA LEU B 243 2.73 21.40 6.10
C LEU B 243 2.07 20.04 6.27
N GLY B 244 2.64 19.22 7.15
CA GLY B 244 2.08 17.92 7.47
C GLY B 244 0.77 18.05 8.23
N ASP B 245 0.73 19.01 9.16
CA ASP B 245 -0.47 19.26 9.95
C ASP B 245 -1.63 19.75 9.09
N LEU B 246 -1.30 20.53 8.05
CA LEU B 246 -2.30 21.03 7.13
C LEU B 246 -2.85 19.90 6.28
N ILE B 247 -1.98 19.00 5.87
CA ILE B 247 -2.36 17.85 5.07
C ILE B 247 -3.27 16.93 5.89
N VAL B 248 -2.88 16.70 7.14
CA VAL B 248 -3.69 15.91 8.07
C VAL B 248 -5.05 16.56 8.29
N PHE B 249 -5.06 17.88 8.46
CA PHE B 249 -6.28 18.63 8.73
C PHE B 249 -7.34 18.46 7.64
N ILE B 250 -6.92 18.63 6.38
CA ILE B 250 -7.84 18.54 5.26
C ILE B 250 -8.37 17.11 5.10
N ILE B 251 -7.48 16.14 5.20
CA ILE B 251 -7.88 14.75 5.02
C ILE B 251 -8.75 14.24 6.17
N ASN B 252 -8.28 14.45 7.41
CA ASN B 252 -9.00 13.94 8.57
C ASN B 252 -10.29 14.68 8.89
N LYS B 253 -10.28 16.01 8.79
CA LYS B 253 -11.46 16.80 9.15
C LYS B 253 -12.38 17.23 8.00
N ILE B 254 -12.00 16.95 6.75
CA ILE B 254 -12.84 17.32 5.63
C ILE B 254 -13.10 16.13 4.73
N VAL B 255 -12.05 15.62 4.11
CA VAL B 255 -12.16 14.49 3.18
C VAL B 255 -12.83 13.27 3.81
N ILE B 256 -12.31 12.83 4.94
CA ILE B 256 -12.83 11.65 5.63
C ILE B 256 -14.27 11.83 6.17
N PRO B 257 -14.56 12.95 6.86
CA PRO B 257 -15.96 13.08 7.33
C PRO B 257 -16.96 13.22 6.19
N VAL B 258 -16.54 13.78 5.07
CA VAL B 258 -17.40 13.88 3.89
C VAL B 258 -17.72 12.50 3.33
N LEU B 259 -16.69 11.67 3.19
CA LEU B 259 -16.86 10.31 2.68
C LEU B 259 -17.68 9.48 3.65
N ARG B 260 -17.38 9.61 4.94
CA ARG B 260 -18.09 8.89 6.00
C ARG B 260 -19.58 9.22 6.02
N TYR B 261 -19.89 10.50 6.01
CA TYR B 261 -21.26 10.99 6.15
C TYR B 261 -22.13 10.59 4.97
N ASN B 262 -21.68 10.94 3.77
CA ASN B 262 -22.48 10.74 2.56
C ASN B 262 -22.43 9.34 1.96
N PHE B 263 -21.39 8.58 2.29
CA PHE B 263 -21.21 7.26 1.69
C PHE B 263 -21.01 6.17 2.72
N TYR B 264 -21.57 4.99 2.44
CA TYR B 264 -21.28 3.79 3.22
C TYR B 264 -20.23 2.96 2.50
N ILE B 265 -19.04 2.88 3.08
CA ILE B 265 -17.94 2.16 2.44
C ILE B 265 -17.64 0.84 3.16
N THR B 266 -17.64 -0.25 2.41
CA THR B 266 -17.41 -1.56 2.97
C THR B 266 -16.75 -2.50 1.97
N GLU B 267 -16.48 -3.73 2.40
CA GLU B 267 -15.94 -4.75 1.50
C GLU B 267 -16.81 -6.00 1.53
N LYS B 268 -16.90 -6.67 0.38
CA LYS B 268 -17.70 -7.87 0.27
C LYS B 268 -16.89 -9.11 0.67
N GLU B 271 -15.85 -11.75 -2.85
CA GLU B 271 -14.90 -10.69 -3.15
C GLU B 271 -13.76 -10.67 -2.14
N GLY B 272 -12.78 -9.79 -2.38
CA GLY B 272 -11.63 -9.67 -1.50
C GLY B 272 -11.74 -8.50 -0.54
N SER B 273 -10.59 -7.91 -0.20
CA SER B 273 -10.54 -6.80 0.75
C SER B 273 -10.82 -5.46 0.07
N GLN B 274 -10.99 -5.48 -1.24
CA GLN B 274 -11.31 -4.27 -2.00
C GLN B 274 -12.65 -3.70 -1.56
N ILE B 275 -12.75 -2.37 -1.59
CA ILE B 275 -13.90 -1.68 -1.01
C ILE B 275 -14.78 -0.99 -2.04
N PHE B 276 -16.05 -0.79 -1.67
CA PHE B 276 -17.03 -0.17 -2.56
C PHE B 276 -17.74 0.98 -1.86
N TYR B 277 -18.09 2.00 -2.64
CA TYR B 277 -18.75 3.19 -2.10
C TYR B 277 -20.24 3.17 -2.38
N TYR B 278 -21.04 3.06 -1.31
CA TYR B 278 -22.49 3.06 -1.43
C TYR B 278 -23.12 4.36 -0.93
N ARG B 279 -24.13 4.82 -1.66
CA ARG B 279 -24.94 5.96 -1.22
C ARG B 279 -25.82 5.56 -0.05
N LYS B 280 -25.99 6.47 0.91
CA LYS B 280 -26.86 6.25 2.06
C LYS B 280 -28.26 5.71 1.72
N PRO B 281 -28.95 6.28 0.70
CA PRO B 281 -30.27 5.72 0.41
C PRO B 281 -30.22 4.28 -0.08
N ILE B 282 -29.22 3.96 -0.88
CA ILE B 282 -29.04 2.61 -1.41
C ILE B 282 -28.80 1.60 -0.30
N TRP B 283 -27.91 1.93 0.63
CA TRP B 283 -27.56 1.00 1.70
C TRP B 283 -28.70 0.81 2.69
N LYS B 284 -29.52 1.85 2.85
CA LYS B 284 -30.70 1.77 3.72
C LYS B 284 -31.65 0.69 3.21
N LEU B 285 -31.73 0.55 1.90
CA LEU B 285 -32.53 -0.50 1.30
C LEU B 285 -31.99 -1.87 1.67
N VAL B 286 -30.67 -2.03 1.51
CA VAL B 286 -30.00 -3.27 1.86
C VAL B 286 -30.14 -3.61 3.34
N SER B 287 -29.90 -2.61 4.20
CA SER B 287 -29.94 -2.81 5.64
C SER B 287 -31.27 -3.37 6.14
N LYS B 288 -32.38 -2.80 5.65
CA LYS B 288 -33.70 -3.27 6.06
C LYS B 288 -34.12 -4.53 5.31
N LEU B 289 -33.50 -4.77 4.17
CA LEU B 289 -33.84 -5.93 3.33
C LEU B 289 -33.49 -7.23 4.04
N THR B 290 -32.52 -7.16 4.94
CA THR B 290 -32.10 -8.33 5.70
C THR B 290 -32.53 -8.23 7.16
MG MG G . 39.99 -14.97 2.97
MG MG H . -42.34 10.96 9.65
#